data_5A8V
#
_entry.id   5A8V
#
_cell.length_a   102.054
_cell.length_b   102.054
_cell.length_c   102.054
_cell.angle_alpha   90.00
_cell.angle_beta   90.00
_cell.angle_gamma   90.00
#
_symmetry.space_group_name_H-M   'I 2 3'
#
loop_
_entity.id
_entity.type
_entity.pdbx_description
1 polymer POLYHEDRIN
2 non-polymer 'CALCIUM ION'
3 water water
#
_entity_poly.entity_id   1
_entity_poly.type   'polypeptide(L)'
_entity_poly.pdbx_seq_one_letter_code
;(ACE)HGLDDAQYLQQKAHNKRISEFRSSSNSGINVTVVLKYTNGVVQVYNWQGTEVIAGSLNRQL(MSE)KFPNY
(MSE)NPDKHGRIEWPGEGVEHQHGLIRSNGGNGSYDIGAGDPYA(MSE)QFIVQGSVDWNATRLRFFGPDGSRW(MSE)
PDDQGGASVRAGLLNAAEDIINSK(MSE)QPLYFCDR(MSE)AGKSYYVRFDDKYAPRFPTIGFEVYRYRVGATNE
(MSE)GGESARTAVASLISFPTFSTAYVNEKVAVENFFQPRELVYQNSYGYTV
;
_entity_poly.pdbx_strand_id   A
#
# COMPACT_ATOMS: atom_id res chain seq x y z
N HIS A 2 43.13 9.96 -24.63
CA HIS A 2 41.75 9.50 -24.70
C HIS A 2 41.27 9.62 -26.17
N GLY A 3 40.00 9.35 -26.50
CA GLY A 3 39.01 8.78 -25.61
C GLY A 3 38.59 7.40 -26.12
N LEU A 4 39.31 6.39 -25.64
CA LEU A 4 39.26 5.05 -26.21
C LEU A 4 38.09 4.15 -25.80
N ASP A 5 37.22 4.61 -24.90
CA ASP A 5 36.07 3.79 -24.55
C ASP A 5 34.78 4.58 -24.47
N ASP A 6 34.70 5.63 -25.28
CA ASP A 6 33.49 6.45 -25.33
C ASP A 6 32.27 5.67 -25.84
N ALA A 7 32.49 4.69 -26.71
CA ALA A 7 31.37 3.88 -27.18
C ALA A 7 30.79 3.02 -26.06
N GLN A 8 31.66 2.42 -25.25
CA GLN A 8 31.19 1.65 -24.10
C GLN A 8 30.50 2.57 -23.11
N TYR A 9 31.07 3.75 -22.90
CA TYR A 9 30.49 4.74 -22.01
C TYR A 9 29.10 5.16 -22.48
N LEU A 10 29.00 5.59 -23.75
CA LEU A 10 27.73 6.04 -24.29
C LEU A 10 26.69 4.94 -24.19
N GLN A 11 27.10 3.72 -24.50
CA GLN A 11 26.22 2.55 -24.42
C GLN A 11 25.65 2.34 -23.03
N GLN A 12 26.50 2.43 -22.01
CA GLN A 12 26.05 2.37 -20.63
C GLN A 12 25.14 3.55 -20.30
N LYS A 13 25.49 4.73 -20.82
CA LYS A 13 24.66 5.92 -20.64
C LYS A 13 23.26 5.71 -21.22
N ALA A 14 23.19 5.25 -22.47
CA ALA A 14 21.91 4.93 -23.12
C ALA A 14 21.11 3.86 -22.35
N HIS A 15 21.79 2.84 -21.85
CA HIS A 15 21.13 1.83 -21.02
C HIS A 15 20.53 2.44 -19.74
N ASN A 16 21.31 3.29 -19.07
CA ASN A 16 20.84 3.94 -17.86
C ASN A 16 19.66 4.85 -18.15
N LYS A 17 19.74 5.59 -19.25
CA LYS A 17 18.66 6.49 -19.61
C LYS A 17 17.40 5.67 -19.86
N ARG A 18 17.57 4.54 -20.52
CA ARG A 18 16.43 3.69 -20.86
C ARG A 18 15.69 3.17 -19.64
N ILE A 19 16.43 2.64 -18.66
CA ILE A 19 15.82 2.09 -17.47
C ILE A 19 15.16 3.18 -16.64
N SER A 20 15.85 4.31 -16.47
CA SER A 20 15.34 5.40 -15.64
C SER A 20 14.08 6.06 -16.21
N GLU A 21 14.02 6.19 -17.53
CA GLU A 21 12.86 6.83 -18.16
C GLU A 21 11.76 5.85 -18.53
N PHE A 22 12.08 4.57 -18.54
CA PHE A 22 11.09 3.56 -18.90
C PHE A 22 9.84 3.66 -18.01
N ARG A 23 10.05 4.09 -16.76
CA ARG A 23 8.96 4.27 -15.80
C ARG A 23 7.81 5.11 -16.34
N SER A 24 8.10 6.03 -17.25
CA SER A 24 7.04 6.88 -17.79
C SER A 24 6.26 6.18 -18.91
N SER A 25 6.77 5.05 -19.37
CA SER A 25 6.05 4.23 -20.35
C SER A 25 4.72 3.72 -19.77
N SER A 26 3.66 3.81 -20.56
CA SER A 26 2.36 3.29 -20.12
C SER A 26 2.38 1.76 -19.96
N ASN A 27 3.46 1.13 -20.41
CA ASN A 27 3.61 -0.32 -20.31
C ASN A 27 4.64 -0.76 -19.29
N SER A 28 5.17 0.20 -18.55
CA SER A 28 6.00 -0.08 -17.40
C SER A 28 5.09 -0.40 -16.22
N GLY A 29 5.69 -0.72 -15.08
CA GLY A 29 4.94 -0.99 -13.89
C GLY A 29 4.80 0.21 -12.97
N ILE A 30 3.65 0.30 -12.32
CA ILE A 30 3.50 1.18 -11.17
C ILE A 30 3.24 0.23 -10.02
N ASN A 31 3.74 0.57 -8.83
CA ASN A 31 3.61 -0.30 -7.66
C ASN A 31 2.97 0.38 -6.45
N VAL A 32 2.03 -0.32 -5.83
CA VAL A 32 1.40 0.14 -4.60
C VAL A 32 1.70 -0.88 -3.51
N THR A 33 2.39 -0.44 -2.45
CA THR A 33 2.68 -1.36 -1.37
C THR A 33 2.07 -0.91 -0.05
N VAL A 34 1.40 -1.85 0.60
CA VAL A 34 0.88 -1.66 1.93
C VAL A 34 1.71 -2.50 2.87
N VAL A 35 2.40 -1.85 3.81
CA VAL A 35 3.16 -2.56 4.84
C VAL A 35 2.47 -2.37 6.18
N LEU A 36 1.89 -3.46 6.70
CA LEU A 36 1.26 -3.43 8.01
C LEU A 36 2.27 -3.79 9.09
N LYS A 37 2.26 -3.03 10.18
CA LYS A 37 3.23 -3.22 11.26
C LYS A 37 2.57 -3.74 12.54
N TYR A 38 3.20 -4.74 13.16
CA TYR A 38 2.65 -5.36 14.34
C TYR A 38 3.55 -5.20 15.57
N THR A 39 2.94 -5.15 16.74
CA THR A 39 3.69 -4.87 17.96
C THR A 39 4.68 -5.96 18.34
N ASN A 40 4.62 -7.09 17.64
CA ASN A 40 5.62 -8.14 17.82
C ASN A 40 6.77 -8.06 16.80
N GLY A 41 6.77 -6.98 16.02
CA GLY A 41 7.82 -6.76 15.05
C GLY A 41 7.49 -7.25 13.65
N VAL A 42 6.47 -8.10 13.54
CA VAL A 42 6.07 -8.61 12.24
C VAL A 42 5.64 -7.49 11.30
N VAL A 43 6.04 -7.60 10.03
CA VAL A 43 5.49 -6.74 8.98
C VAL A 43 4.83 -7.61 7.92
N GLN A 44 3.61 -7.25 7.54
CA GLN A 44 2.90 -7.96 6.51
C GLN A 44 2.86 -7.08 5.27
N VAL A 45 3.38 -7.60 4.16
CA VAL A 45 3.48 -6.85 2.91
C VAL A 45 2.36 -7.25 1.93
N TYR A 46 1.71 -6.26 1.35
CA TYR A 46 0.84 -6.47 0.20
C TYR A 46 1.31 -5.55 -0.90
N ASN A 47 1.63 -6.10 -2.06
CA ASN A 47 2.15 -5.32 -3.16
C ASN A 47 1.32 -5.52 -4.43
N TRP A 48 0.67 -4.45 -4.88
CA TRP A 48 -0.09 -4.49 -6.14
C TRP A 48 0.70 -3.89 -7.28
N GLN A 49 0.52 -4.44 -8.49
CA GLN A 49 1.14 -3.92 -9.71
C GLN A 49 0.09 -3.58 -10.76
N GLY A 50 0.38 -2.59 -11.59
CA GLY A 50 -0.52 -2.22 -12.67
C GLY A 50 0.16 -1.34 -13.68
N THR A 51 -0.55 -0.97 -14.73
CA THR A 51 0.01 -0.14 -15.79
C THR A 51 -0.64 1.26 -15.83
N GLU A 52 -1.96 1.29 -15.86
CA GLU A 52 -2.70 2.55 -15.96
C GLU A 52 -3.34 2.94 -14.64
N VAL A 53 -3.85 1.95 -13.93
CA VAL A 53 -4.56 2.18 -12.69
C VAL A 53 -4.35 1.02 -11.75
N ILE A 54 -3.99 1.34 -10.51
CA ILE A 54 -3.86 0.32 -9.48
C ILE A 54 -4.87 0.65 -8.36
N ALA A 55 -5.80 -0.27 -8.15
CA ALA A 55 -6.85 -0.10 -7.14
C ALA A 55 -6.94 -1.36 -6.29
N GLY A 56 -7.37 -1.20 -5.05
CA GLY A 56 -7.52 -2.35 -4.18
C GLY A 56 -8.05 -1.97 -2.82
N SER A 57 -8.10 -2.95 -1.93
CA SER A 57 -8.59 -2.69 -0.59
C SER A 57 -8.19 -3.84 0.31
N LEU A 58 -8.28 -3.64 1.62
CA LEU A 58 -8.01 -4.68 2.59
C LEU A 58 -9.08 -4.59 3.66
N ASN A 59 -9.85 -5.67 3.87
CA ASN A 59 -10.76 -5.70 5.00
C ASN A 59 -10.04 -6.26 6.25
N ARG A 60 -10.71 -6.30 7.41
CA ARG A 60 -10.03 -6.73 8.64
C ARG A 60 -9.38 -8.10 8.53
N GLN A 61 -10.04 -9.02 7.83
CA GLN A 61 -9.50 -10.36 7.65
C GLN A 61 -8.08 -10.33 7.13
N LEU A 62 -7.77 -9.34 6.29
CA LEU A 62 -6.43 -9.22 5.72
C LEU A 62 -5.57 -8.15 6.40
N LYS A 64 -5.43 -7.91 9.64
CA LYS A 64 -4.91 -8.64 10.79
C LYS A 64 -3.85 -9.67 10.42
N PHE A 65 -3.07 -10.09 11.41
CA PHE A 65 -2.16 -11.20 11.26
C PHE A 65 -2.38 -12.18 12.41
N PRO A 66 -2.38 -13.48 12.12
CA PRO A 66 -2.24 -14.05 10.78
C PRO A 66 -3.59 -14.11 10.08
N ASN A 67 -3.61 -14.62 8.84
CA ASN A 67 -4.84 -14.78 8.09
C ASN A 67 -4.76 -15.92 7.07
N TYR A 68 -5.78 -16.00 6.21
CA TYR A 68 -5.86 -17.08 5.25
C TYR A 68 -4.82 -16.90 4.15
N ASN A 70 -1.77 -15.23 4.81
CA ASN A 70 -0.49 -15.45 5.48
C ASN A 70 -0.66 -16.07 6.86
N PRO A 71 -0.75 -17.40 6.91
CA PRO A 71 -0.85 -18.17 8.16
C PRO A 71 0.44 -18.03 8.98
N ASP A 72 0.37 -18.25 10.29
CA ASP A 72 1.58 -18.14 11.10
C ASP A 72 2.44 -19.39 10.87
N LYS A 73 3.52 -19.53 11.62
CA LYS A 73 4.47 -20.61 11.35
C LYS A 73 3.88 -22.01 11.58
N HIS A 74 2.68 -22.07 12.11
CA HIS A 74 2.05 -23.36 12.38
C HIS A 74 0.82 -23.61 11.53
N GLY A 75 0.68 -22.84 10.46
CA GLY A 75 -0.40 -23.01 9.51
C GLY A 75 -1.72 -22.51 10.03
N ARG A 76 -1.66 -21.63 11.03
CA ARG A 76 -2.87 -21.07 11.64
C ARG A 76 -3.21 -19.73 11.02
N ILE A 77 -4.49 -19.53 10.76
CA ILE A 77 -4.95 -18.29 10.16
C ILE A 77 -5.61 -17.37 11.19
N GLU A 78 -5.76 -17.86 12.41
CA GLU A 78 -6.20 -16.99 13.49
C GLU A 78 -5.57 -17.41 14.82
N TRP A 79 -5.55 -16.50 15.78
CA TRP A 79 -4.96 -16.79 17.07
C TRP A 79 -6.02 -16.88 18.17
N PRO A 80 -5.74 -17.64 19.22
CA PRO A 80 -6.64 -17.71 20.38
C PRO A 80 -6.88 -16.34 20.98
N GLY A 81 -8.13 -15.97 21.17
CA GLY A 81 -8.45 -14.68 21.74
C GLY A 81 -8.50 -13.58 20.69
N GLU A 82 -8.20 -13.93 19.44
CA GLU A 82 -8.21 -12.95 18.36
C GLU A 82 -8.99 -13.49 17.16
N GLY A 83 -9.96 -14.35 17.43
CA GLY A 83 -10.78 -14.95 16.41
C GLY A 83 -12.12 -14.26 16.26
N VAL A 84 -13.17 -15.03 16.04
CA VAL A 84 -14.44 -14.44 15.63
C VAL A 84 -15.02 -13.49 16.68
N GLU A 85 -15.03 -13.91 17.95
CA GLU A 85 -15.57 -13.05 19.02
C GLU A 85 -14.80 -11.73 19.12
N HIS A 86 -13.48 -11.80 18.95
CA HIS A 86 -12.64 -10.62 18.94
C HIS A 86 -13.04 -9.66 17.82
N GLN A 87 -13.21 -10.19 16.62
CA GLN A 87 -13.57 -9.36 15.48
C GLN A 87 -14.91 -8.68 15.73
N HIS A 88 -15.81 -9.41 16.40
CA HIS A 88 -17.13 -8.89 16.71
C HIS A 88 -17.06 -7.69 17.67
N GLY A 89 -16.12 -7.72 18.60
CA GLY A 89 -15.87 -6.61 19.51
C GLY A 89 -15.25 -5.39 18.84
N LEU A 90 -14.66 -5.59 17.66
CA LEU A 90 -14.13 -4.45 16.92
C LEU A 90 -15.22 -3.82 16.06
N ILE A 91 -16.03 -4.66 15.43
CA ILE A 91 -17.15 -4.22 14.59
C ILE A 91 -18.13 -3.29 15.35
N ARG A 92 -18.44 -3.66 16.59
CA ARG A 92 -19.38 -2.91 17.41
C ARG A 92 -18.81 -2.79 18.82
N SER A 93 -18.79 -1.58 19.36
CA SER A 93 -18.34 -1.37 20.73
C SER A 93 -19.09 -2.34 21.66
N ASN A 94 -18.36 -3.02 22.52
CA ASN A 94 -18.97 -3.96 23.44
C ASN A 94 -19.88 -4.98 22.75
N GLY A 95 -19.51 -5.35 21.51
CA GLY A 95 -20.28 -6.30 20.73
C GLY A 95 -19.61 -7.67 20.66
N GLY A 96 -18.47 -7.81 21.31
CA GLY A 96 -17.77 -9.08 21.31
C GLY A 96 -18.04 -9.90 22.56
N ASN A 97 -17.07 -10.72 22.94
CA ASN A 97 -17.15 -11.48 24.18
C ASN A 97 -15.77 -11.71 24.81
N GLY A 98 -15.38 -12.99 24.90
CA GLY A 98 -14.12 -13.35 25.55
C GLY A 98 -12.94 -13.34 24.59
N SER A 99 -12.24 -12.21 24.54
CA SER A 99 -11.10 -12.07 23.65
C SER A 99 -10.16 -11.01 24.21
N TYR A 100 -8.98 -10.91 23.63
CA TYR A 100 -8.03 -9.89 24.07
C TYR A 100 -8.55 -8.52 23.66
N ASP A 101 -8.27 -7.52 24.50
CA ASP A 101 -8.69 -6.15 24.21
C ASP A 101 -8.12 -5.66 22.88
N ILE A 102 -6.81 -5.83 22.70
CA ILE A 102 -6.14 -5.51 21.46
C ILE A 102 -5.39 -6.75 20.98
N GLY A 103 -5.68 -7.17 19.77
CA GLY A 103 -5.02 -8.35 19.24
C GLY A 103 -3.53 -8.11 19.04
N ALA A 104 -2.75 -9.15 19.26
CA ALA A 104 -1.35 -9.13 18.90
C ALA A 104 -1.27 -8.92 17.40
N GLY A 105 -2.27 -9.47 16.71
CA GLY A 105 -2.36 -9.42 15.26
C GLY A 105 -3.16 -8.26 14.70
N ASP A 106 -3.51 -7.29 15.54
CA ASP A 106 -4.12 -6.04 15.07
C ASP A 106 -3.00 -5.05 14.81
N PRO A 107 -2.82 -4.62 13.55
CA PRO A 107 -1.66 -3.77 13.27
C PRO A 107 -1.76 -2.45 14.03
N TYR A 108 -0.63 -1.83 14.37
CA TYR A 108 -0.65 -0.55 15.07
C TYR A 108 -0.32 0.58 14.13
N ALA A 109 0.19 0.24 12.95
CA ALA A 109 0.58 1.26 12.00
C ALA A 109 0.74 0.72 10.59
N GLN A 111 2.58 1.63 6.61
CA GLN A 111 3.26 2.42 5.60
C GLN A 111 2.61 2.16 4.25
N PHE A 112 2.25 3.25 3.56
CA PHE A 112 1.64 3.18 2.25
C PHE A 112 2.65 3.74 1.25
N ILE A 113 3.12 2.90 0.33
CA ILE A 113 4.14 3.33 -0.62
C ILE A 113 3.68 3.19 -2.06
N VAL A 114 3.92 4.23 -2.84
CA VAL A 114 3.56 4.23 -4.24
C VAL A 114 4.81 4.54 -5.05
N GLN A 115 5.09 3.73 -6.06
CA GLN A 115 6.31 3.88 -6.85
C GLN A 115 6.03 3.78 -8.36
N GLY A 116 6.56 4.73 -9.12
CA GLY A 116 6.41 4.71 -10.56
C GLY A 116 6.25 6.10 -11.11
N SER A 117 5.86 6.19 -12.39
CA SER A 117 5.50 7.47 -12.97
C SER A 117 4.01 7.66 -12.72
N VAL A 118 3.70 8.18 -11.55
CA VAL A 118 2.34 8.20 -11.01
C VAL A 118 1.80 9.62 -11.03
N ASP A 119 0.49 9.74 -11.24
CA ASP A 119 -0.20 11.02 -11.12
C ASP A 119 -0.37 11.29 -9.64
N TRP A 120 0.69 11.77 -8.99
CA TRP A 120 0.77 11.83 -7.54
C TRP A 120 -0.44 12.48 -6.89
N ASN A 121 -0.91 13.57 -7.47
CA ASN A 121 -2.00 14.34 -6.86
C ASN A 121 -3.29 13.55 -6.84
N ALA A 122 -3.40 12.58 -7.74
CA ALA A 122 -4.66 11.86 -7.93
C ALA A 122 -4.84 10.70 -6.96
N THR A 123 -3.77 10.36 -6.26
CA THR A 123 -3.77 9.21 -5.36
C THR A 123 -4.86 9.33 -4.30
N ARG A 124 -5.63 8.26 -4.14
CA ARG A 124 -6.67 8.17 -3.12
C ARG A 124 -6.36 7.05 -2.13
N LEU A 125 -6.37 7.37 -0.85
CA LEU A 125 -6.30 6.37 0.20
C LEU A 125 -7.48 6.62 1.13
N ARG A 126 -8.41 5.68 1.20
CA ARG A 126 -9.61 5.81 2.05
C ARG A 126 -9.53 4.96 3.32
N PHE A 127 -9.87 5.56 4.45
CA PHE A 127 -9.95 4.84 5.72
C PHE A 127 -11.38 4.54 6.14
N PHE A 128 -11.61 3.28 6.53
CA PHE A 128 -12.92 2.86 7.04
C PHE A 128 -12.71 2.21 8.39
N GLY A 129 -13.78 2.10 9.16
CA GLY A 129 -13.71 1.39 10.43
C GLY A 129 -13.75 -0.10 10.18
N PRO A 130 -13.71 -0.91 11.24
CA PRO A 130 -13.74 -2.36 11.10
C PRO A 130 -15.08 -2.85 10.53
N ASP A 131 -16.11 -2.03 10.63
CA ASP A 131 -17.44 -2.37 10.13
C ASP A 131 -17.71 -1.81 8.72
N GLY A 132 -16.69 -1.22 8.10
CA GLY A 132 -16.81 -0.69 6.76
C GLY A 132 -17.38 0.72 6.71
N SER A 133 -17.49 1.35 7.87
CA SER A 133 -17.99 2.70 7.99
C SER A 133 -16.90 3.71 7.62
N ARG A 134 -17.31 4.74 6.88
CA ARG A 134 -16.43 5.82 6.48
C ARG A 134 -15.94 6.59 7.72
N TRP A 135 -14.64 6.58 7.95
CA TRP A 135 -14.10 7.16 9.18
C TRP A 135 -13.80 8.65 9.06
N PRO A 137 -12.19 12.35 11.08
CA PRO A 137 -11.33 12.89 12.14
C PRO A 137 -12.10 13.80 13.10
N ASP A 138 -11.40 14.33 14.11
CA ASP A 138 -11.99 15.25 15.08
C ASP A 138 -13.00 14.58 16.00
N ASP A 139 -12.72 13.35 16.40
CA ASP A 139 -13.59 12.59 17.28
C ASP A 139 -15.02 12.47 16.75
N GLN A 140 -15.17 12.56 15.42
CA GLN A 140 -16.47 12.45 14.78
C GLN A 140 -16.96 11.00 14.62
N GLY A 141 -16.03 10.06 14.73
CA GLY A 141 -16.36 8.65 14.62
C GLY A 141 -16.59 8.19 13.18
N GLY A 142 -17.40 7.15 13.03
CA GLY A 142 -17.67 6.58 11.71
C GLY A 142 -19.06 6.96 11.20
N ALA A 143 -19.15 7.16 9.89
CA ALA A 143 -20.41 7.56 9.26
C ALA A 143 -21.20 6.35 8.76
N SER A 144 -22.53 6.46 8.79
CA SER A 144 -23.40 5.41 8.29
C SER A 144 -23.38 5.42 6.76
N VAL A 145 -24.08 4.46 6.14
CA VAL A 145 -24.15 4.37 4.69
C VAL A 145 -24.93 5.54 4.08
N ARG A 146 -25.79 6.17 4.89
CA ARG A 146 -26.65 7.23 4.37
C ARG A 146 -25.93 8.57 4.31
N ALA A 147 -25.01 8.78 5.25
CA ALA A 147 -24.26 10.04 5.36
C ALA A 147 -22.81 9.94 4.86
N GLY A 148 -22.31 8.72 4.70
CA GLY A 148 -20.92 8.50 4.33
C GLY A 148 -20.50 8.99 2.96
N LEU A 149 -19.53 9.89 2.94
CA LEU A 149 -18.93 10.39 1.70
C LEU A 149 -17.77 9.47 1.25
N LEU A 150 -17.99 8.73 0.18
CA LEU A 150 -17.02 7.74 -0.29
C LEU A 150 -15.79 8.34 -0.97
N ASN A 151 -15.90 9.58 -1.42
CA ASN A 151 -14.77 10.30 -2.00
C ASN A 151 -14.58 11.65 -1.35
N ALA A 152 -13.71 11.71 -0.34
CA ALA A 152 -13.53 12.91 0.47
C ALA A 152 -12.23 13.62 0.12
N ALA A 153 -12.18 14.90 0.44
CA ALA A 153 -10.98 15.69 0.19
C ALA A 153 -9.74 15.07 0.84
N GLU A 154 -9.93 14.41 1.99
CA GLU A 154 -8.83 13.84 2.77
C GLU A 154 -8.25 12.55 2.19
N ASP A 155 -8.96 11.95 1.23
CA ASP A 155 -8.43 10.77 0.56
C ASP A 155 -7.21 11.14 -0.28
N ILE A 156 -7.17 12.38 -0.73
CA ILE A 156 -6.01 12.84 -1.49
C ILE A 156 -4.85 13.10 -0.53
N ILE A 157 -4.02 12.07 -0.32
CA ILE A 157 -2.99 12.19 0.70
C ILE A 157 -1.67 12.69 0.14
N ASN A 158 -1.62 12.99 -1.15
CA ASN A 158 -0.36 13.35 -1.79
C ASN A 158 0.58 14.24 -0.97
N SER A 159 0.04 15.27 -0.33
CA SER A 159 0.85 16.27 0.37
C SER A 159 1.44 15.77 1.68
N LYS A 160 0.84 14.72 2.22
CA LYS A 160 1.32 14.11 3.45
C LYS A 160 2.38 13.04 3.17
N GLN A 162 5.88 11.36 1.71
CA GLN A 162 7.27 11.80 1.66
C GLN A 162 7.95 11.28 0.40
N PRO A 163 8.73 12.15 -0.25
CA PRO A 163 9.43 11.74 -1.48
C PRO A 163 10.50 10.72 -1.15
N LEU A 164 10.57 9.66 -1.92
CA LEU A 164 11.58 8.63 -1.76
C LEU A 164 12.42 8.54 -3.02
N TYR A 165 13.71 8.81 -2.87
CA TYR A 165 14.65 8.84 -3.97
C TYR A 165 15.29 7.48 -4.23
N PHE A 166 15.56 7.21 -5.50
CA PHE A 166 16.42 6.13 -5.89
C PHE A 166 17.50 6.80 -6.74
N CYS A 167 18.69 6.92 -6.18
CA CYS A 167 19.78 7.69 -6.77
C CYS A 167 19.51 9.20 -6.71
N ASP A 168 19.34 9.79 -7.88
CA ASP A 168 19.19 11.24 -8.02
C ASP A 168 17.77 11.67 -8.41
N ARG A 169 16.87 10.71 -8.60
CA ARG A 169 15.50 11.07 -8.93
C ARG A 169 14.57 10.54 -7.86
N ALA A 171 11.66 8.29 -6.92
CA ALA A 171 11.05 7.11 -7.51
C ALA A 171 9.63 6.90 -7.01
N GLY A 172 9.39 7.29 -5.76
CA GLY A 172 8.09 7.07 -5.17
C GLY A 172 7.81 7.92 -3.95
N LYS A 173 6.66 7.70 -3.33
CA LYS A 173 6.30 8.46 -2.15
C LYS A 173 5.72 7.52 -1.11
N SER A 174 5.90 7.89 0.15
CA SER A 174 5.55 7.01 1.24
C SER A 174 4.73 7.77 2.27
N TYR A 175 3.75 7.09 2.89
CA TYR A 175 2.97 7.69 3.96
C TYR A 175 2.96 6.79 5.18
N TYR A 176 3.38 7.32 6.32
CA TYR A 176 3.39 6.55 7.56
C TYR A 176 2.29 7.05 8.47
N VAL A 177 1.47 6.14 8.97
CA VAL A 177 0.37 6.54 9.83
C VAL A 177 0.18 5.52 10.95
N ARG A 178 0.03 6.03 12.17
CA ARG A 178 -0.33 5.19 13.29
C ARG A 178 -1.84 5.05 13.44
N PHE A 179 -2.27 3.85 13.78
CA PHE A 179 -3.68 3.56 13.97
C PHE A 179 -4.03 3.88 15.42
N ASP A 180 -4.41 5.13 15.67
CA ASP A 180 -4.63 5.57 17.04
C ASP A 180 -5.92 6.37 17.22
N ASP A 181 -6.85 6.24 16.27
CA ASP A 181 -8.10 6.99 16.29
C ASP A 181 -7.88 8.50 16.15
N LYS A 182 -6.65 8.93 15.88
CA LYS A 182 -6.36 10.34 15.75
C LYS A 182 -6.32 10.77 14.29
N TYR A 183 -5.30 10.30 13.56
CA TYR A 183 -5.17 10.58 12.13
C TYR A 183 -5.54 9.36 11.30
N ALA A 184 -5.91 8.29 11.99
CA ALA A 184 -6.41 7.09 11.34
C ALA A 184 -7.18 6.27 12.37
N PRO A 185 -8.15 5.46 11.89
CA PRO A 185 -8.92 4.55 12.76
C PRO A 185 -7.98 3.64 13.53
N ARG A 186 -8.40 3.21 14.71
CA ARG A 186 -7.57 2.31 15.49
C ARG A 186 -7.63 0.90 14.92
N PHE A 187 -8.78 0.53 14.37
CA PHE A 187 -8.94 -0.77 13.71
C PHE A 187 -9.44 -0.61 12.28
N PRO A 188 -8.60 0.00 11.42
CA PRO A 188 -9.04 0.40 10.08
C PRO A 188 -9.14 -0.73 9.06
N THR A 189 -9.88 -0.44 8.01
CA THR A 189 -9.79 -1.19 6.77
C THR A 189 -9.55 -0.12 5.72
N ILE A 190 -8.99 -0.48 4.58
CA ILE A 190 -8.59 0.55 3.62
C ILE A 190 -9.01 0.23 2.20
N GLY A 191 -9.11 1.30 1.40
CA GLY A 191 -9.26 1.18 -0.03
C GLY A 191 -8.35 2.21 -0.68
N PHE A 192 -7.85 1.92 -1.87
CA PHE A 192 -6.92 2.85 -2.50
C PHE A 192 -7.06 2.90 -4.03
N GLU A 193 -6.64 4.01 -4.63
CA GLU A 193 -6.62 4.15 -6.08
C GLU A 193 -5.38 4.94 -6.49
N VAL A 194 -4.59 4.37 -7.37
CA VAL A 194 -3.36 5.00 -7.82
C VAL A 194 -3.38 5.06 -9.34
N TYR A 195 -2.95 6.19 -9.87
CA TYR A 195 -3.11 6.47 -11.30
C TYR A 195 -1.82 6.77 -12.03
N ARG A 196 -1.75 6.28 -13.26
CA ARG A 196 -0.63 6.50 -14.15
C ARG A 196 -0.50 7.98 -14.47
N TYR A 197 0.72 8.52 -14.39
CA TYR A 197 0.95 9.88 -14.89
C TYR A 197 1.02 9.79 -16.41
N ARG A 198 0.24 10.62 -17.08
CA ARG A 198 0.20 10.57 -18.52
C ARG A 198 1.11 11.64 -19.12
N VAL A 199 1.86 11.26 -20.14
CA VAL A 199 2.76 12.21 -20.81
C VAL A 199 2.05 12.84 -22.01
N GLY A 200 0.77 12.56 -22.15
CA GLY A 200 -0.04 13.14 -23.21
C GLY A 200 -1.51 13.25 -22.82
N ALA A 201 -2.32 13.75 -23.74
CA ALA A 201 -3.73 14.03 -23.46
C ALA A 201 -4.67 12.89 -23.80
N THR A 202 -4.16 11.88 -24.49
CA THR A 202 -5.02 10.78 -24.90
C THR A 202 -5.41 9.93 -23.69
N ASN A 203 -6.71 9.74 -23.52
CA ASN A 203 -7.23 8.99 -22.39
C ASN A 203 -7.05 7.49 -22.61
N GLU A 204 -6.03 6.93 -21.97
CA GLU A 204 -5.73 5.51 -22.10
C GLU A 204 -6.57 4.63 -21.17
N GLY A 206 -9.84 4.72 -21.57
CA GLY A 206 -11.06 4.59 -22.32
C GLY A 206 -10.81 4.68 -23.81
N GLY A 207 -11.89 4.90 -24.57
CA GLY A 207 -11.78 4.91 -26.02
C GLY A 207 -11.26 3.58 -26.55
N GLU A 208 -10.29 3.66 -27.47
CA GLU A 208 -9.69 2.48 -28.08
C GLU A 208 -8.88 1.68 -27.07
N SER A 209 -8.66 2.26 -25.89
CA SER A 209 -7.88 1.62 -24.84
C SER A 209 -8.76 1.03 -23.75
N ALA A 210 -10.07 1.04 -23.96
CA ALA A 210 -11.01 0.59 -22.94
C ALA A 210 -10.79 -0.88 -22.54
N ARG A 211 -10.70 -1.74 -23.53
CA ARG A 211 -10.62 -3.17 -23.25
C ARG A 211 -9.41 -3.51 -22.36
N THR A 212 -8.27 -2.91 -22.65
CA THR A 212 -7.06 -3.24 -21.88
C THR A 212 -7.03 -2.50 -20.55
N ALA A 213 -7.66 -1.33 -20.49
CA ALA A 213 -7.70 -0.56 -19.26
C ALA A 213 -8.49 -1.32 -18.20
N VAL A 214 -9.64 -1.87 -18.59
CA VAL A 214 -10.48 -2.63 -17.67
C VAL A 214 -9.79 -3.93 -17.24
N ALA A 215 -9.21 -4.65 -18.20
CA ALA A 215 -8.53 -5.91 -17.93
C ALA A 215 -7.38 -5.76 -16.95
N SER A 216 -6.60 -4.70 -17.13
CA SER A 216 -5.38 -4.48 -16.37
C SER A 216 -5.65 -4.27 -14.89
N LEU A 217 -6.89 -3.95 -14.55
CA LEU A 217 -7.29 -3.82 -13.15
C LEU A 217 -7.01 -5.06 -12.28
N ILE A 218 -7.19 -6.26 -12.85
CA ILE A 218 -6.99 -7.48 -12.07
C ILE A 218 -6.07 -8.53 -12.71
N SER A 219 -5.33 -8.16 -13.76
CA SER A 219 -4.54 -9.13 -14.50
C SER A 219 -3.08 -9.22 -14.05
N PHE A 220 -2.77 -8.58 -12.92
CA PHE A 220 -1.42 -8.67 -12.35
C PHE A 220 -1.52 -9.26 -10.96
N PRO A 221 -0.77 -10.34 -10.70
CA PRO A 221 -0.85 -10.96 -9.38
C PRO A 221 -0.47 -9.99 -8.27
N THR A 222 -1.10 -10.16 -7.12
CA THR A 222 -0.79 -9.36 -5.93
C THR A 222 0.15 -10.12 -5.03
N PHE A 223 1.36 -9.62 -4.84
CA PHE A 223 2.29 -10.26 -3.94
C PHE A 223 1.92 -9.99 -2.48
N SER A 224 2.09 -11.00 -1.64
CA SER A 224 1.83 -10.83 -0.22
C SER A 224 2.59 -11.84 0.61
N THR A 225 3.15 -11.38 1.72
CA THR A 225 3.80 -12.25 2.68
C THR A 225 3.96 -11.51 3.99
N ALA A 226 4.25 -12.23 5.06
CA ALA A 226 4.63 -11.62 6.32
C ALA A 226 6.08 -11.99 6.68
N TYR A 227 6.82 -11.01 7.19
CA TYR A 227 8.20 -11.22 7.55
C TYR A 227 8.40 -11.01 9.04
N VAL A 228 9.34 -11.75 9.63
CA VAL A 228 9.64 -11.68 11.06
C VAL A 228 9.95 -10.26 11.53
N ASN A 229 10.52 -9.46 10.63
CA ASN A 229 10.74 -8.05 10.92
C ASN A 229 11.10 -7.26 9.67
N GLU A 230 11.16 -5.94 9.82
CA GLU A 230 11.41 -5.04 8.72
C GLU A 230 12.78 -5.30 8.06
N LYS A 231 13.79 -5.58 8.88
CA LYS A 231 15.13 -5.84 8.38
C LYS A 231 15.12 -6.95 7.33
N VAL A 232 14.52 -8.09 7.66
CA VAL A 232 14.40 -9.20 6.72
C VAL A 232 13.57 -8.86 5.48
N ALA A 233 12.45 -8.15 5.66
CA ALA A 233 11.62 -7.73 4.53
C ALA A 233 12.38 -6.85 3.52
N VAL A 234 13.19 -5.93 4.03
CA VAL A 234 13.94 -5.04 3.15
C VAL A 234 15.05 -5.76 2.37
N GLU A 235 15.77 -6.68 3.02
CA GLU A 235 16.87 -7.34 2.33
C GLU A 235 16.38 -8.43 1.38
N ASN A 236 15.27 -9.07 1.70
CA ASN A 236 14.82 -10.21 0.91
C ASN A 236 13.69 -9.92 -0.07
N PHE A 237 12.99 -8.80 0.13
CA PHE A 237 11.95 -8.41 -0.81
C PHE A 237 12.22 -7.03 -1.42
N PHE A 238 12.08 -5.98 -0.61
CA PHE A 238 12.12 -4.61 -1.14
C PHE A 238 13.37 -4.23 -1.95
N GLN A 239 14.55 -4.52 -1.41
CA GLN A 239 15.79 -4.18 -2.12
C GLN A 239 15.99 -4.87 -3.48
N PRO A 240 15.83 -6.21 -3.54
CA PRO A 240 15.95 -6.94 -4.81
C PRO A 240 14.89 -6.51 -5.83
N ARG A 241 13.71 -6.14 -5.36
CA ARG A 241 12.67 -5.63 -6.26
C ARG A 241 12.99 -4.22 -6.75
N GLU A 242 13.95 -3.58 -6.08
CA GLU A 242 14.23 -2.17 -6.32
C GLU A 242 12.98 -1.34 -6.07
N LEU A 243 12.21 -1.78 -5.09
CA LEU A 243 11.15 -0.96 -4.50
C LEU A 243 11.75 -0.10 -3.39
N VAL A 244 11.54 1.21 -3.47
CA VAL A 244 11.94 2.10 -2.40
C VAL A 244 11.02 1.93 -1.19
N TYR A 245 11.56 2.20 -0.01
CA TYR A 245 10.89 1.87 1.23
C TYR A 245 11.51 2.73 2.34
N GLN A 246 10.68 3.30 3.21
CA GLN A 246 11.20 4.09 4.33
C GLN A 246 11.26 3.21 5.57
N ASN A 247 12.44 3.05 6.18
CA ASN A 247 12.58 2.20 7.36
C ASN A 247 12.14 2.91 8.66
N SER A 248 12.21 2.17 9.78
CA SER A 248 11.71 2.66 11.07
C SER A 248 12.42 3.92 11.57
N TYR A 249 13.50 4.28 10.88
CA TYR A 249 14.30 5.42 11.29
C TYR A 249 14.10 6.60 10.35
N GLY A 250 13.15 6.47 9.44
CA GLY A 250 12.86 7.52 8.48
C GLY A 250 13.82 7.57 7.31
N TYR A 251 14.65 6.54 7.18
CA TYR A 251 15.61 6.45 6.08
C TYR A 251 15.00 5.76 4.87
N THR A 252 15.31 6.27 3.68
CA THR A 252 14.91 5.59 2.46
C THR A 252 15.83 4.40 2.21
N VAL A 253 15.27 3.21 2.09
CA VAL A 253 16.06 2.02 1.83
C VAL A 253 15.56 1.29 0.60
#